data_3I65
#
_entry.id   3I65
#
_cell.length_a   85.858
_cell.length_b   85.858
_cell.length_c   138.352
_cell.angle_alpha   90.00
_cell.angle_beta   90.00
_cell.angle_gamma   120.00
#
_symmetry.space_group_name_H-M   'P 64'
#
loop_
_entity.id
_entity.type
_entity.pdbx_description
1 polymer 'Dihydroorotate dehydrogenase homolog, mitochondrial'
2 non-polymer 5-methyl-7-(naphthalen-2-ylamino)-1H-[1,2,4]triazolo[1,5-a]pyrimidine-3,8-diium
3 non-polymer 'FLAVIN MONONUCLEOTIDE'
4 non-polymer 'OROTIC ACID'
5 non-polymer 'LAURYL DIMETHYLAMINE-N-OXIDE'
6 water water
#
_entity_poly.entity_id   1
_entity_poly.type   'polypeptide(L)'
_entity_poly.pdbx_seq_one_letter_code
;MGSSHHHHHHSSGLVPRGSHMASMTGGQQGRDPFESYNPEFFLYDIFLKFCLKYIDGEICHDLFLLLGKYNILPYDTSND
SIYACTNIKHLDFINPFGVAAGFDKNGVCIDSILKLGFSFIEIGTITPRGQTGNAKPRIFRDVESRSIINSCGFNNMGCD
KVTENLILFRKRQEEDKLLSKHIVGVSIGKNKDTVNIVDDLKYCINKIGRYADYIAINVSSPNTPGLRDNQEAGKLKNII
LSVKEEIDNLEKNNIMNDEFLWFNTTKKKPLVFVKLAPDLNQEQKKEIADVLLETNIDGMIISNTTTQINDIKSFENKKG
GVSGAKLKDISTKFICEMYNYTNKQIPIIASGGIFSGLDALEKIEAGASVCQLYSCLVFNGMKSAVQIKRELNHLLYQRG
YYNLKEAIGRKHSKS
;
_entity_poly.pdbx_strand_id   A
#
loop_
_chem_comp.id
_chem_comp.type
_chem_comp.name
_chem_comp.formula
FMN non-polymer 'FLAVIN MONONUCLEOTIDE' 'C17 H21 N4 O9 P'
JZ8 non-polymer 5-methyl-7-(naphthalen-2-ylamino)-1H-[1,2,4]triazolo[1,5-a]pyrimidine-3,8-diium 'C16 H15 N5 2'
LDA non-polymer 'LAURYL DIMETHYLAMINE-N-OXIDE' 'C14 H31 N O'
ORO non-polymer 'OROTIC ACID' 'C5 H4 N2 O4'
#
# COMPACT_ATOMS: atom_id res chain seq x y z
N SER A 36 16.95 -17.69 -8.28
CA SER A 36 18.14 -18.52 -8.48
C SER A 36 17.80 -19.82 -9.17
N TYR A 37 17.49 -20.83 -8.39
CA TYR A 37 17.12 -22.07 -9.00
C TYR A 37 15.83 -22.02 -9.84
N ASN A 38 14.77 -21.30 -9.44
CA ASN A 38 13.55 -21.28 -10.25
C ASN A 38 13.70 -20.41 -11.45
N PRO A 39 13.63 -21.02 -12.60
CA PRO A 39 13.89 -20.40 -13.88
C PRO A 39 12.99 -19.25 -14.30
N GLU A 40 11.69 -19.31 -14.04
CA GLU A 40 10.81 -18.22 -14.37
C GLU A 40 11.23 -16.96 -13.66
N PHE A 41 11.49 -17.02 -12.37
CA PHE A 41 11.93 -15.86 -11.59
C PHE A 41 13.33 -15.40 -11.99
N PHE A 42 14.21 -16.35 -12.27
CA PHE A 42 15.56 -16.04 -12.73
C PHE A 42 15.58 -15.27 -14.05
N LEU A 43 14.88 -15.78 -15.05
CA LEU A 43 14.80 -15.13 -16.36
C LEU A 43 14.25 -13.72 -16.23
N TYR A 44 13.24 -13.57 -15.39
CA TYR A 44 12.62 -12.26 -15.17
C TYR A 44 13.56 -11.29 -14.49
N ASP A 45 14.37 -11.77 -13.59
CA ASP A 45 15.20 -10.86 -12.85
C ASP A 45 16.53 -10.51 -13.55
N ILE A 46 16.93 -11.32 -14.53
CA ILE A 46 17.93 -10.87 -15.54
C ILE A 46 17.32 -9.76 -16.39
N PHE A 47 16.12 -10.01 -16.94
CA PHE A 47 15.41 -9.02 -17.76
C PHE A 47 15.19 -7.70 -17.03
N LEU A 48 14.87 -7.75 -15.74
CA LEU A 48 14.62 -6.54 -14.94
C LEU A 48 15.90 -5.76 -14.70
N LYS A 49 17.01 -6.47 -14.55
CA LYS A 49 18.34 -5.86 -14.47
C LYS A 49 18.68 -5.03 -15.71
N PHE A 50 18.42 -5.60 -16.88
CA PHE A 50 18.58 -4.95 -18.19
C PHE A 50 17.74 -3.68 -18.24
N CYS A 51 16.44 -3.83 -17.93
CA CYS A 51 15.52 -2.71 -17.95
C CYS A 51 15.96 -1.59 -17.03
N LEU A 52 16.39 -1.93 -15.82
CA LEU A 52 16.90 -0.93 -14.88
C LEU A 52 18.07 -0.11 -15.44
N LYS A 53 18.93 -0.78 -16.20
CA LYS A 53 20.15 -0.17 -16.68
C LYS A 53 19.78 0.78 -17.82
N TYR A 54 18.99 0.28 -18.78
CA TYR A 54 18.78 0.98 -20.03
C TYR A 54 17.52 1.84 -20.14
N ILE A 55 16.44 1.41 -19.48
CA ILE A 55 15.10 1.94 -19.79
C ILE A 55 14.53 2.83 -18.67
N ASP A 56 13.88 3.91 -19.08
CA ASP A 56 13.20 4.85 -18.23
C ASP A 56 12.29 4.10 -17.22
N GLY A 57 12.23 4.58 -15.98
CA GLY A 57 11.47 3.93 -14.89
C GLY A 57 9.98 3.74 -15.15
N GLU A 58 9.29 4.82 -15.48
CA GLU A 58 7.86 4.71 -15.78
C GLU A 58 7.60 3.75 -16.92
N ILE A 59 8.42 3.82 -17.98
CA ILE A 59 8.31 2.86 -19.09
C ILE A 59 8.47 1.40 -18.63
N CYS A 60 9.49 1.16 -17.80
CA CYS A 60 9.74 -0.16 -17.22
C CYS A 60 8.49 -0.59 -16.44
N HIS A 61 8.00 0.31 -15.60
CA HIS A 61 6.80 0.03 -14.77
C HIS A 61 5.67 -0.42 -15.66
N ASP A 62 5.38 0.36 -16.70
CA ASP A 62 4.27 0.05 -17.58
C ASP A 62 4.47 -1.22 -18.36
N LEU A 63 5.70 -1.52 -18.72
CA LEU A 63 5.99 -2.76 -19.41
C LEU A 63 5.67 -3.95 -18.49
N PHE A 64 6.15 -3.92 -17.27
CA PHE A 64 5.85 -5.02 -16.34
C PHE A 64 4.35 -5.11 -15.96
N LEU A 65 3.68 -3.95 -15.86
CA LEU A 65 2.22 -3.96 -15.74
C LEU A 65 1.57 -4.65 -16.90
N LEU A 66 2.06 -4.39 -18.12
CA LEU A 66 1.48 -4.99 -19.31
C LEU A 66 1.76 -6.49 -19.38
N LEU A 67 2.95 -6.91 -18.97
CA LEU A 67 3.24 -8.36 -18.92
C LEU A 67 2.35 -9.09 -17.87
N GLY A 68 2.08 -8.43 -16.77
CA GLY A 68 1.15 -8.96 -15.77
C GLY A 68 -0.28 -9.07 -16.30
N LYS A 69 -0.72 -8.06 -17.05
CA LYS A 69 -2.06 -8.03 -17.59
C LYS A 69 -2.27 -9.21 -18.55
N TYR A 70 -1.23 -9.54 -19.32
CA TYR A 70 -1.31 -10.71 -20.18
C TYR A 70 -0.86 -12.02 -19.53
N ASN A 71 -0.73 -12.00 -18.21
CA ASN A 71 -0.53 -13.24 -17.42
C ASN A 71 0.74 -14.02 -17.80
N ILE A 72 1.86 -13.33 -17.95
CA ILE A 72 3.13 -14.04 -18.23
C ILE A 72 4.21 -13.77 -17.20
N LEU A 73 3.80 -13.27 -16.03
CA LEU A 73 4.70 -13.18 -14.91
C LEU A 73 4.65 -14.52 -14.13
N PRO A 74 5.70 -14.76 -13.30
CA PRO A 74 5.76 -15.97 -12.47
C PRO A 74 4.72 -15.92 -11.34
N TYR A 75 4.32 -17.10 -10.86
CA TYR A 75 3.49 -17.27 -9.67
C TYR A 75 4.29 -17.80 -8.51
N ASP A 76 4.01 -17.26 -7.32
CA ASP A 76 4.38 -17.90 -6.05
C ASP A 76 3.20 -18.83 -5.68
N THR A 77 3.36 -20.14 -5.89
CA THR A 77 2.29 -21.11 -5.59
C THR A 77 2.53 -21.88 -4.27
N SER A 78 3.41 -21.35 -3.44
CA SER A 78 3.75 -21.99 -2.18
C SER A 78 2.83 -21.55 -1.04
N ASN A 79 2.65 -22.44 -0.05
CA ASN A 79 1.88 -22.12 1.15
C ASN A 79 2.66 -21.16 2.01
N ASP A 80 2.00 -20.11 2.48
CA ASP A 80 2.60 -19.20 3.42
C ASP A 80 2.53 -19.83 4.83
N SER A 81 3.57 -19.58 5.63
CA SER A 81 3.67 -20.06 7.00
C SER A 81 2.52 -19.54 7.85
N ILE A 82 1.84 -20.44 8.55
CA ILE A 82 0.75 -20.02 9.44
C ILE A 82 1.27 -19.14 10.59
N TYR A 83 2.55 -19.23 10.88
CA TYR A 83 3.15 -18.44 11.96
C TYR A 83 3.49 -17.02 11.55
N ALA A 84 3.18 -16.64 10.31
CA ALA A 84 3.41 -15.28 9.82
C ALA A 84 2.14 -14.65 9.28
N CYS A 85 1.00 -15.29 9.53
CA CYS A 85 -0.29 -14.66 9.35
C CYS A 85 -0.42 -13.44 10.25
N THR A 86 -1.28 -12.52 9.85
CA THR A 86 -1.47 -11.32 10.63
C THR A 86 -2.85 -10.76 10.35
N ASN A 87 -3.26 -9.77 11.12
CA ASN A 87 -4.58 -9.23 10.94
C ASN A 87 -4.68 -7.77 11.36
N ILE A 88 -5.65 -7.08 10.78
CA ILE A 88 -6.04 -5.76 11.24
C ILE A 88 -7.53 -5.82 11.50
N LYS A 89 -7.89 -5.75 12.79
CA LYS A 89 -9.26 -6.02 13.21
C LYS A 89 -9.70 -7.35 12.59
N HIS A 90 -10.84 -7.38 11.91
CA HIS A 90 -11.29 -8.64 11.33
C HIS A 90 -10.88 -8.85 9.85
N LEU A 91 -9.90 -8.06 9.41
CA LEU A 91 -9.26 -8.21 8.09
C LEU A 91 -8.04 -9.10 8.25
N ASP A 92 -8.08 -10.27 7.61
CA ASP A 92 -7.10 -11.32 7.87
C ASP A 92 -6.13 -11.48 6.69
N PHE A 93 -4.85 -11.34 6.97
CA PHE A 93 -3.81 -11.38 5.95
C PHE A 93 -3.15 -12.74 5.94
N ILE A 94 -3.14 -13.42 4.79
CA ILE A 94 -2.50 -14.74 4.69
C ILE A 94 -0.99 -14.68 4.93
N ASN A 95 -0.40 -13.51 4.67
CA ASN A 95 1.00 -13.27 4.93
C ASN A 95 1.10 -11.74 5.18
N PRO A 96 2.21 -11.28 5.73
CA PRO A 96 2.27 -9.88 6.14
C PRO A 96 2.76 -8.88 5.06
N PHE A 97 2.76 -9.30 3.79
CA PHE A 97 3.32 -8.44 2.74
C PHE A 97 2.33 -8.07 1.64
N GLY A 98 2.15 -6.77 1.45
CA GLY A 98 1.33 -6.27 0.38
C GLY A 98 2.07 -5.30 -0.51
N VAL A 99 1.41 -4.86 -1.56
CA VAL A 99 1.97 -3.85 -2.47
C VAL A 99 1.32 -2.51 -2.16
N ALA A 100 2.16 -1.48 -2.00
CA ALA A 100 1.69 -0.13 -1.66
C ALA A 100 0.94 0.54 -2.79
N ALA A 101 0.24 1.64 -2.44
CA ALA A 101 -0.49 2.44 -3.42
C ALA A 101 0.50 3.13 -4.38
N GLY A 102 0.02 3.48 -5.57
CA GLY A 102 0.83 4.10 -6.62
C GLY A 102 1.41 3.08 -7.59
N PHE A 103 1.40 1.81 -7.20
CA PHE A 103 1.98 0.74 -8.02
C PHE A 103 1.03 0.35 -9.11
N ASP A 104 -0.21 0.04 -8.75
CA ASP A 104 -1.23 -0.22 -9.73
C ASP A 104 -2.28 0.84 -9.49
N LYS A 105 -2.04 2.06 -10.00
CA LYS A 105 -2.94 3.19 -9.80
C LYS A 105 -4.35 2.91 -10.31
N ASN A 106 -4.45 2.20 -11.43
CA ASN A 106 -5.69 1.99 -12.12
C ASN A 106 -6.25 0.57 -12.03
N GLY A 107 -5.62 -0.26 -11.19
CA GLY A 107 -6.05 -1.67 -11.04
C GLY A 107 -6.08 -2.49 -12.32
N VAL A 108 -5.02 -2.42 -13.12
CA VAL A 108 -5.00 -3.08 -14.42
C VAL A 108 -4.24 -4.42 -14.36
N CYS A 109 -3.53 -4.64 -13.24
CA CYS A 109 -2.62 -5.77 -13.10
C CYS A 109 -2.74 -6.45 -11.72
N ILE A 110 -3.92 -6.41 -11.11
CA ILE A 110 -4.08 -6.80 -9.71
C ILE A 110 -3.80 -8.29 -9.55
N ASP A 111 -4.39 -9.11 -10.42
CA ASP A 111 -4.23 -10.58 -10.34
C ASP A 111 -2.77 -10.97 -10.33
N SER A 112 -2.00 -10.47 -11.30
CA SER A 112 -0.63 -10.98 -11.51
C SER A 112 0.31 -10.46 -10.46
N ILE A 113 0.06 -9.24 -9.99
CA ILE A 113 0.87 -8.70 -8.90
C ILE A 113 0.63 -9.50 -7.59
N LEU A 114 -0.62 -9.74 -7.23
CA LEU A 114 -0.93 -10.55 -6.05
C LEU A 114 -0.25 -11.91 -6.12
N LYS A 115 -0.33 -12.54 -7.29
CA LYS A 115 0.19 -13.90 -7.48
C LYS A 115 1.72 -14.01 -7.50
N LEU A 116 2.41 -12.88 -7.37
CA LEU A 116 3.84 -12.87 -7.08
C LEU A 116 4.11 -13.29 -5.64
N GLY A 117 3.05 -13.37 -4.82
CA GLY A 117 3.17 -13.87 -3.45
C GLY A 117 2.73 -12.90 -2.38
N PHE A 118 2.02 -11.85 -2.77
CA PHE A 118 1.57 -10.82 -1.83
C PHE A 118 0.18 -11.19 -1.35
N SER A 119 -0.12 -10.81 -0.10
CA SER A 119 -1.43 -11.10 0.50
C SER A 119 -2.43 -10.00 0.16
N PHE A 120 -1.92 -8.83 -0.22
CA PHE A 120 -2.80 -7.74 -0.55
C PHE A 120 -2.15 -6.67 -1.41
N ILE A 121 -2.98 -5.80 -1.99
CA ILE A 121 -2.53 -4.68 -2.80
C ILE A 121 -3.47 -3.51 -2.53
N GLU A 122 -2.88 -2.33 -2.42
CA GLU A 122 -3.64 -1.10 -2.38
C GLU A 122 -3.63 -0.40 -3.76
N ILE A 123 -4.72 -0.49 -4.54
CA ILE A 123 -4.77 0.20 -5.81
C ILE A 123 -5.02 1.70 -5.58
N GLY A 124 -4.93 2.50 -6.64
CA GLY A 124 -4.94 3.95 -6.48
C GLY A 124 -3.52 4.50 -6.26
N THR A 125 -3.41 5.75 -5.82
CA THR A 125 -4.55 6.63 -5.47
C THR A 125 -5.44 7.01 -6.66
N ILE A 126 -6.76 6.83 -6.48
CA ILE A 126 -7.75 7.23 -7.47
C ILE A 126 -8.39 8.57 -7.05
N THR A 127 -8.88 9.30 -8.04
CA THR A 127 -9.64 10.56 -7.80
C THR A 127 -10.94 10.41 -8.59
N PRO A 128 -11.99 11.21 -8.24
CA PRO A 128 -13.28 11.03 -8.92
C PRO A 128 -13.21 11.12 -10.44
N ARG A 129 -12.47 12.12 -10.95
CA ARG A 129 -12.25 12.27 -12.38
C ARG A 129 -10.81 11.90 -12.70
N GLY A 130 -10.56 11.44 -13.91
CA GLY A 130 -9.20 11.13 -14.34
C GLY A 130 -8.30 12.35 -14.33
N GLN A 131 -7.00 12.11 -14.15
CA GLN A 131 -5.95 13.14 -14.17
C GLN A 131 -4.74 12.57 -14.88
N THR A 132 -4.06 13.39 -15.68
CA THR A 132 -2.93 12.93 -16.48
C THR A 132 -1.64 12.89 -15.66
N GLY A 133 -1.58 13.72 -14.62
CA GLY A 133 -0.39 13.87 -13.78
C GLY A 133 0.60 14.91 -14.32
N ASN A 134 1.73 15.05 -13.64
CA ASN A 134 2.78 15.99 -14.05
C ASN A 134 3.54 15.56 -15.31
N ALA A 135 4.28 16.49 -15.92
CA ALA A 135 5.05 16.21 -17.14
C ALA A 135 6.05 15.07 -16.92
N LYS A 136 6.18 14.21 -17.92
CA LYS A 136 7.18 13.15 -17.95
C LYS A 136 8.54 13.69 -18.45
N PRO A 137 9.65 13.08 -18.00
CA PRO A 137 9.77 12.00 -17.00
C PRO A 137 9.55 12.49 -15.56
N ARG A 138 9.01 11.63 -14.71
CA ARG A 138 8.62 12.05 -13.36
C ARG A 138 8.90 10.98 -12.29
N ILE A 139 9.52 9.88 -12.72
CA ILE A 139 10.06 8.87 -11.81
C ILE A 139 11.53 8.59 -12.16
N PHE A 140 12.40 8.74 -11.16
CA PHE A 140 13.85 8.54 -11.30
C PHE A 140 14.38 7.64 -10.18
N ARG A 141 15.24 6.68 -10.55
CA ARG A 141 15.87 5.74 -9.60
C ARG A 141 17.33 6.05 -9.30
N ASP A 142 17.73 5.92 -8.04
CA ASP A 142 19.14 5.91 -7.69
C ASP A 142 19.50 4.50 -7.21
N VAL A 143 20.02 3.68 -8.11
CA VAL A 143 20.30 2.27 -7.81
C VAL A 143 21.24 2.10 -6.61
N GLU A 144 22.24 2.98 -6.50
CA GLU A 144 23.27 2.85 -5.46
C GLU A 144 22.71 2.97 -4.05
N SER A 145 21.78 3.91 -3.86
CA SER A 145 21.11 4.08 -2.57
C SER A 145 19.76 3.35 -2.54
N ARG A 146 19.46 2.59 -3.59
CA ARG A 146 18.19 1.87 -3.75
C ARG A 146 16.98 2.77 -3.38
N SER A 147 16.93 3.95 -3.99
CA SER A 147 15.91 4.95 -3.72
C SER A 147 15.27 5.46 -4.99
N ILE A 148 14.11 6.10 -4.82
CA ILE A 148 13.35 6.60 -5.95
C ILE A 148 12.87 8.00 -5.58
N ILE A 149 12.75 8.87 -6.57
CA ILE A 149 12.03 10.12 -6.38
C ILE A 149 10.95 10.16 -7.47
N ASN A 150 9.76 10.65 -7.12
CA ASN A 150 8.69 10.79 -8.11
C ASN A 150 7.90 12.06 -7.92
N SER A 151 7.38 12.60 -9.02
CA SER A 151 6.37 13.65 -8.96
C SER A 151 5.29 13.31 -9.96
N CYS A 152 4.70 12.13 -9.80
CA CYS A 152 3.67 11.65 -10.71
C CYS A 152 2.51 12.63 -10.77
N GLY A 153 2.12 13.18 -9.62
CA GLY A 153 0.95 14.09 -9.52
C GLY A 153 -0.41 13.44 -9.69
N PHE A 154 -0.59 12.27 -9.07
CA PHE A 154 -1.89 11.60 -9.02
C PHE A 154 -2.52 11.36 -10.37
N ASN A 155 -1.71 10.87 -11.30
CA ASN A 155 -2.22 10.40 -12.55
C ASN A 155 -3.10 9.17 -12.31
N ASN A 156 -4.31 9.16 -12.85
CA ASN A 156 -5.18 7.98 -12.80
C ASN A 156 -6.33 8.12 -13.79
N MET A 157 -6.95 6.99 -14.13
CA MET A 157 -8.03 6.98 -15.12
C MET A 157 -9.35 7.49 -14.56
N GLY A 158 -9.36 7.80 -13.28
CA GLY A 158 -10.58 8.26 -12.65
C GLY A 158 -11.41 7.11 -12.08
N CYS A 159 -12.27 7.46 -11.13
CA CYS A 159 -13.00 6.50 -10.33
C CYS A 159 -13.86 5.52 -11.11
N ASP A 160 -14.60 6.02 -12.10
CA ASP A 160 -15.50 5.16 -12.87
C ASP A 160 -14.78 4.03 -13.61
N LYS A 161 -13.63 4.35 -14.19
CA LYS A 161 -12.92 3.36 -14.97
C LYS A 161 -12.21 2.35 -14.04
N VAL A 162 -11.60 2.85 -12.97
CA VAL A 162 -10.91 1.98 -12.02
C VAL A 162 -11.94 1.05 -11.34
N THR A 163 -13.12 1.58 -11.02
CA THR A 163 -14.22 0.76 -10.47
C THR A 163 -14.54 -0.38 -11.43
N GLU A 164 -14.68 -0.08 -12.71
CA GLU A 164 -14.89 -1.12 -13.71
C GLU A 164 -13.72 -2.13 -13.75
N ASN A 165 -12.48 -1.64 -13.65
CA ASN A 165 -11.31 -2.54 -13.54
C ASN A 165 -11.36 -3.45 -12.28
N LEU A 166 -11.70 -2.87 -11.12
CA LEU A 166 -11.80 -3.65 -9.90
C LEU A 166 -12.96 -4.66 -9.92
N ILE A 167 -14.10 -4.26 -10.49
CA ILE A 167 -15.24 -5.16 -10.66
C ILE A 167 -14.81 -6.39 -11.45
N LEU A 168 -14.14 -6.17 -12.59
CA LEU A 168 -13.68 -7.25 -13.44
C LEU A 168 -12.68 -8.15 -12.71
N PHE A 169 -11.77 -7.56 -11.95
CA PHE A 169 -10.95 -8.33 -11.00
C PHE A 169 -11.78 -9.23 -10.03
N ARG A 170 -12.81 -8.66 -9.40
CA ARG A 170 -13.61 -9.40 -8.43
C ARG A 170 -14.29 -10.59 -9.08
N LYS A 171 -14.75 -10.42 -10.31
CA LYS A 171 -15.29 -11.54 -11.10
C LYS A 171 -14.25 -12.64 -11.44
N ARG A 172 -13.03 -12.23 -11.81
CA ARG A 172 -11.95 -13.19 -12.08
C ARG A 172 -11.59 -13.90 -10.78
N GLN A 173 -11.66 -13.17 -9.67
CA GLN A 173 -11.25 -13.72 -8.38
C GLN A 173 -12.14 -14.90 -7.95
N GLU A 174 -13.40 -14.87 -8.36
CA GLU A 174 -14.32 -15.97 -8.08
C GLU A 174 -13.89 -17.25 -8.78
N GLU A 175 -13.12 -17.10 -9.87
CA GLU A 175 -12.73 -18.21 -10.75
C GLU A 175 -11.29 -18.67 -10.53
N ASP A 176 -10.50 -17.82 -9.89
CA ASP A 176 -9.05 -18.00 -9.84
C ASP A 176 -8.63 -18.38 -8.43
N LYS A 177 -8.26 -19.65 -8.29
CA LYS A 177 -7.94 -20.26 -7.00
C LYS A 177 -6.82 -19.56 -6.24
N LEU A 178 -5.82 -19.05 -6.94
CA LEU A 178 -4.69 -18.42 -6.26
C LEU A 178 -5.01 -17.03 -5.69
N LEU A 179 -6.21 -16.53 -5.98
CA LEU A 179 -6.64 -15.22 -5.47
C LEU A 179 -7.60 -15.29 -4.26
N SER A 180 -7.91 -16.50 -3.83
CA SER A 180 -9.02 -16.79 -2.88
C SER A 180 -9.29 -15.83 -1.68
N LYS A 181 -8.30 -15.65 -0.84
CA LYS A 181 -8.44 -14.82 0.36
C LYS A 181 -7.53 -13.60 0.25
N HIS A 182 -7.26 -13.14 -0.98
CA HIS A 182 -6.34 -12.02 -1.16
C HIS A 182 -7.13 -10.73 -1.06
N ILE A 183 -6.55 -9.73 -0.39
CA ILE A 183 -7.17 -8.48 -0.03
C ILE A 183 -6.85 -7.37 -1.07
N VAL A 184 -7.87 -6.60 -1.48
CA VAL A 184 -7.65 -5.39 -2.28
C VAL A 184 -8.21 -4.17 -1.54
N GLY A 185 -7.31 -3.30 -1.09
CA GLY A 185 -7.68 -1.96 -0.64
C GLY A 185 -7.65 -0.93 -1.76
N VAL A 186 -8.40 0.16 -1.60
CA VAL A 186 -8.42 1.24 -2.57
C VAL A 186 -7.98 2.56 -1.89
N SER A 187 -6.92 3.16 -2.42
CA SER A 187 -6.48 4.48 -2.01
C SER A 187 -7.32 5.51 -2.76
N ILE A 188 -7.88 6.47 -2.04
CA ILE A 188 -8.74 7.48 -2.66
C ILE A 188 -8.27 8.89 -2.30
N GLY A 189 -8.38 9.80 -3.26
CA GLY A 189 -7.91 11.17 -3.05
C GLY A 189 -8.77 12.22 -3.71
N LYS A 190 -8.39 13.48 -3.53
CA LYS A 190 -9.09 14.60 -4.15
C LYS A 190 -8.54 14.91 -5.52
N ASN A 191 -9.41 15.31 -6.45
CA ASN A 191 -8.97 15.93 -7.67
C ASN A 191 -8.21 17.22 -7.30
N LYS A 192 -7.28 17.62 -8.13
CA LYS A 192 -6.37 18.68 -7.78
C LYS A 192 -7.10 19.96 -7.46
N ASP A 193 -8.12 20.24 -8.22
CA ASP A 193 -8.84 21.49 -8.16
C ASP A 193 -10.23 21.42 -7.55
N THR A 194 -10.46 20.47 -6.67
CA THR A 194 -11.79 20.26 -6.12
C THR A 194 -12.41 21.36 -5.27
N VAL A 195 -13.75 21.43 -5.32
CA VAL A 195 -14.60 22.36 -4.56
C VAL A 195 -14.85 21.90 -3.12
N ASN A 196 -14.68 20.60 -2.85
CA ASN A 196 -14.52 20.09 -1.48
C ASN A 196 -14.03 18.66 -1.40
N ILE A 197 -13.00 18.48 -0.60
CA ILE A 197 -12.33 17.19 -0.42
C ILE A 197 -13.34 16.11 -0.04
N VAL A 198 -14.16 16.39 0.97
CA VAL A 198 -15.19 15.48 1.47
C VAL A 198 -16.01 14.84 0.35
N ASP A 199 -16.53 15.66 -0.56
CA ASP A 199 -17.40 15.17 -1.63
C ASP A 199 -16.68 14.38 -2.71
N ASP A 200 -15.40 14.67 -2.91
CA ASP A 200 -14.55 13.85 -3.78
C ASP A 200 -14.46 12.42 -3.23
N LEU A 201 -14.21 12.30 -1.92
CA LEU A 201 -14.06 11.02 -1.26
C LEU A 201 -15.38 10.23 -1.25
N LYS A 202 -16.49 10.94 -1.06
CA LYS A 202 -17.83 10.34 -1.04
C LYS A 202 -18.16 9.76 -2.40
N TYR A 203 -17.77 10.47 -3.46
CA TYR A 203 -18.03 9.98 -4.80
C TYR A 203 -17.30 8.65 -5.07
N CYS A 204 -16.05 8.57 -4.62
CA CYS A 204 -15.24 7.36 -4.78
C CYS A 204 -15.85 6.18 -4.01
N ILE A 205 -16.11 6.40 -2.73
CA ILE A 205 -16.80 5.42 -1.88
C ILE A 205 -18.09 4.89 -2.49
N ASN A 206 -18.97 5.80 -2.92
CA ASN A 206 -20.23 5.39 -3.54
C ASN A 206 -20.03 4.52 -4.78
N LYS A 207 -18.96 4.80 -5.53
CA LYS A 207 -18.70 4.08 -6.77
C LYS A 207 -18.00 2.73 -6.53
N ILE A 208 -16.92 2.74 -5.75
CA ILE A 208 -15.99 1.60 -5.65
C ILE A 208 -16.03 0.89 -4.30
N GLY A 209 -16.65 1.52 -3.31
CA GLY A 209 -16.66 1.01 -1.92
C GLY A 209 -17.12 -0.44 -1.76
N ARG A 210 -18.05 -0.89 -2.61
CA ARG A 210 -18.63 -2.23 -2.52
C ARG A 210 -17.62 -3.32 -2.91
N TYR A 211 -16.50 -2.89 -3.50
CA TYR A 211 -15.54 -3.83 -4.10
C TYR A 211 -14.22 -3.78 -3.39
N ALA A 212 -14.13 -2.89 -2.41
CA ALA A 212 -12.93 -2.72 -1.62
C ALA A 212 -13.04 -3.46 -0.30
N ASP A 213 -11.92 -4.01 0.18
CA ASP A 213 -11.81 -4.60 1.51
C ASP A 213 -11.45 -3.55 2.55
N TYR A 214 -10.81 -2.48 2.08
CA TYR A 214 -10.48 -1.32 2.87
C TYR A 214 -10.30 -0.11 1.96
N ILE A 215 -10.43 1.06 2.58
CA ILE A 215 -10.32 2.35 1.87
C ILE A 215 -9.18 3.08 2.56
N ALA A 216 -8.22 3.58 1.77
CA ALA A 216 -7.12 4.33 2.35
C ALA A 216 -7.28 5.80 1.97
N ILE A 217 -7.28 6.67 2.96
CA ILE A 217 -7.43 8.06 2.71
C ILE A 217 -6.09 8.68 2.51
N ASN A 218 -5.85 9.11 1.30
CA ASN A 218 -4.60 9.74 0.98
C ASN A 218 -4.77 11.23 0.86
N VAL A 219 -4.50 11.93 1.94
CA VAL A 219 -4.50 13.37 1.91
C VAL A 219 -3.07 13.81 2.24
N SER A 220 -2.16 12.84 2.20
CA SER A 220 -0.73 13.06 2.39
C SER A 220 -0.04 12.77 1.10
N SER A 221 0.34 13.76 0.36
CA SER A 221 1.13 13.48 -0.80
C SER A 221 1.76 14.70 -1.37
N PRO A 222 2.99 14.56 -1.81
CA PRO A 222 3.65 15.64 -2.53
C PRO A 222 3.06 15.53 -3.89
N ASN A 223 3.12 16.57 -4.67
CA ASN A 223 2.63 16.39 -5.99
C ASN A 223 1.15 16.60 -6.02
N GLU A 232 -7.62 22.22 9.96
CA GLU A 232 -6.27 21.68 10.18
C GLU A 232 -6.28 20.18 10.51
N ALA A 233 -6.46 19.86 11.79
CA ALA A 233 -6.69 18.48 12.23
C ALA A 233 -8.20 18.25 12.39
N GLY A 234 -8.93 19.34 12.55
CA GLY A 234 -10.40 19.32 12.53
C GLY A 234 -10.93 19.09 11.13
N LYS A 235 -10.12 19.47 10.13
CA LYS A 235 -10.37 19.13 8.74
C LYS A 235 -10.22 17.62 8.49
N LEU A 236 -9.19 17.02 9.10
CA LEU A 236 -8.96 15.57 8.99
C LEU A 236 -10.07 14.77 9.66
N LYS A 237 -10.43 15.17 10.89
CA LYS A 237 -11.52 14.57 11.66
C LYS A 237 -12.81 14.50 10.85
N ASN A 238 -13.13 15.59 10.16
CA ASN A 238 -14.33 15.69 9.36
C ASN A 238 -14.22 14.85 8.09
N ILE A 239 -13.01 14.78 7.54
CA ILE A 239 -12.75 13.92 6.39
C ILE A 239 -12.99 12.47 6.81
N ILE A 240 -12.37 12.05 7.91
CA ILE A 240 -12.46 10.67 8.39
C ILE A 240 -13.90 10.28 8.74
N LEU A 241 -14.57 11.16 9.48
CA LEU A 241 -15.97 10.94 9.82
C LEU A 241 -16.87 10.92 8.60
N SER A 242 -16.63 11.79 7.62
CA SER A 242 -17.41 11.75 6.38
C SER A 242 -17.27 10.44 5.60
N VAL A 243 -16.07 9.87 5.64
CA VAL A 243 -15.77 8.61 4.95
C VAL A 243 -16.46 7.42 5.63
N LYS A 244 -16.32 7.30 6.95
CA LYS A 244 -16.94 6.22 7.71
C LYS A 244 -18.45 6.28 7.57
N GLU A 245 -18.98 7.50 7.49
CA GLU A 245 -20.42 7.73 7.31
C GLU A 245 -20.92 7.26 5.96
N GLU A 246 -20.17 7.56 4.89
CA GLU A 246 -20.57 7.14 3.54
C GLU A 246 -20.57 5.62 3.34
N ILE A 247 -19.64 4.96 4.00
CA ILE A 247 -19.55 3.51 4.01
C ILE A 247 -20.75 2.92 4.77
N ASP A 248 -21.00 3.47 5.97
CA ASP A 248 -22.20 3.16 6.77
C ASP A 248 -23.49 3.34 5.95
N ASN A 249 -23.55 4.41 5.17
CA ASN A 249 -24.70 4.66 4.29
C ASN A 249 -24.86 3.68 3.13
N LEU A 250 -23.75 3.11 2.64
CA LEU A 250 -23.82 2.05 1.64
C LEU A 250 -24.57 0.85 2.21
N GLU A 251 -24.20 0.48 3.43
CA GLU A 251 -24.85 -0.58 4.20
C GLU A 251 -26.31 -0.22 4.46
N LYS A 252 -26.51 0.96 5.07
CA LYS A 252 -27.83 1.49 5.47
C LYS A 252 -28.83 1.41 4.36
N ASN A 253 -28.50 1.88 3.17
CA ASN A 253 -29.54 1.95 2.16
C ASN A 253 -29.43 1.05 0.92
N ASN A 254 -28.66 -0.02 1.04
CA ASN A 254 -28.76 -1.08 0.06
C ASN A 254 -29.69 -2.16 0.60
N ILE A 255 -30.57 -2.70 -0.23
CA ILE A 255 -31.53 -3.70 0.24
C ILE A 255 -31.00 -5.14 0.28
N MET A 256 -29.82 -5.38 -0.30
CA MET A 256 -29.28 -6.73 -0.40
C MET A 256 -28.63 -7.15 0.90
N ASN A 257 -28.65 -8.45 1.16
CA ASN A 257 -27.85 -9.03 2.20
C ASN A 257 -26.35 -8.80 1.89
N ASP A 258 -25.51 -8.81 2.92
CA ASP A 258 -24.11 -8.46 2.83
C ASP A 258 -23.32 -9.30 1.84
N GLU A 259 -23.66 -10.59 1.77
CA GLU A 259 -23.11 -11.52 0.76
C GLU A 259 -23.17 -10.93 -0.66
N PHE A 260 -24.19 -10.11 -0.92
CA PHE A 260 -24.40 -9.59 -2.25
C PHE A 260 -24.04 -8.12 -2.40
N LEU A 261 -24.09 -7.37 -1.30
CA LEU A 261 -23.67 -5.98 -1.32
C LEU A 261 -22.13 -5.83 -1.39
N TRP A 262 -21.42 -6.58 -0.55
CA TRP A 262 -19.98 -6.50 -0.51
C TRP A 262 -19.35 -7.50 -1.47
N PHE A 263 -19.12 -7.07 -2.69
CA PHE A 263 -18.45 -7.87 -3.71
C PHE A 263 -16.96 -7.69 -3.57
N ASN A 264 -16.44 -8.19 -2.48
CA ASN A 264 -15.09 -8.03 -2.03
C ASN A 264 -14.63 -9.28 -1.33
N THR A 265 -13.42 -9.31 -0.84
CA THR A 265 -12.97 -10.47 -0.11
C THR A 265 -13.59 -10.76 1.26
N THR A 266 -13.70 -9.76 2.11
CA THR A 266 -14.18 -9.91 3.49
C THR A 266 -15.70 -10.19 3.56
N LYS A 267 -16.42 -9.77 2.53
CA LYS A 267 -17.89 -9.72 2.52
C LYS A 267 -18.45 -8.80 3.61
N LYS A 268 -17.58 -7.94 4.16
CA LYS A 268 -17.95 -6.90 5.10
C LYS A 268 -17.70 -5.54 4.46
N LYS A 269 -18.21 -4.49 5.11
CA LYS A 269 -17.90 -3.14 4.70
C LYS A 269 -16.40 -2.87 4.83
N PRO A 270 -15.86 -2.03 3.90
CA PRO A 270 -14.43 -1.75 3.98
C PRO A 270 -14.01 -1.07 5.27
N LEU A 271 -12.93 -1.52 5.88
CA LEU A 271 -12.24 -0.74 6.90
C LEU A 271 -11.72 0.59 6.32
N VAL A 272 -11.41 1.54 7.18
CA VAL A 272 -10.98 2.88 6.78
C VAL A 272 -9.62 3.09 7.40
N PHE A 273 -8.62 3.37 6.56
CA PHE A 273 -7.29 3.70 7.04
C PHE A 273 -6.95 5.11 6.56
N VAL A 274 -5.98 5.73 7.19
CA VAL A 274 -5.43 6.97 6.66
C VAL A 274 -3.91 6.81 6.43
N LYS A 275 -3.42 7.37 5.33
CA LYS A 275 -1.99 7.32 5.05
C LYS A 275 -1.36 8.67 5.37
N LEU A 276 -0.30 8.63 6.17
CA LEU A 276 0.32 9.84 6.68
C LEU A 276 1.68 10.13 6.02
N ALA A 277 1.90 11.40 5.68
CA ALA A 277 3.20 11.88 5.21
C ALA A 277 4.14 12.03 6.41
N PRO A 278 5.43 11.70 6.23
CA PRO A 278 6.41 11.77 7.32
C PRO A 278 6.97 13.18 7.63
N ASP A 279 6.75 14.13 6.71
CA ASP A 279 7.29 15.48 6.86
C ASP A 279 6.33 16.30 7.72
N LEU A 280 6.32 16.00 9.02
CA LEU A 280 5.44 16.65 9.99
C LEU A 280 6.24 16.92 11.27
N ASN A 281 5.90 18.01 11.95
CA ASN A 281 6.52 18.30 13.25
C ASN A 281 5.87 17.46 14.36
N GLN A 282 6.51 17.44 15.52
CA GLN A 282 6.04 16.61 16.65
C GLN A 282 4.66 16.99 17.16
N GLU A 283 4.30 18.27 17.01
CA GLU A 283 3.00 18.76 17.43
C GLU A 283 1.91 18.24 16.51
N GLN A 284 2.16 18.31 15.20
CA GLN A 284 1.23 17.82 14.21
C GLN A 284 0.92 16.34 14.41
N LYS A 285 1.96 15.56 14.71
CA LYS A 285 1.82 14.12 14.95
C LYS A 285 0.92 13.84 16.15
N LYS A 286 1.14 14.59 17.24
CA LYS A 286 0.33 14.50 18.45
C LYS A 286 -1.14 14.83 18.17
N GLU A 287 -1.35 15.90 17.40
CA GLU A 287 -2.71 16.33 17.04
C GLU A 287 -3.44 15.28 16.20
N ILE A 288 -2.75 14.73 15.20
CA ILE A 288 -3.30 13.70 14.32
C ILE A 288 -3.62 12.44 15.13
N ALA A 289 -2.71 12.04 16.02
CA ALA A 289 -2.97 10.92 16.92
C ALA A 289 -4.32 11.06 17.64
N ASP A 290 -4.59 12.25 18.17
CA ASP A 290 -5.84 12.56 18.85
C ASP A 290 -7.04 12.32 17.94
N VAL A 291 -6.99 12.93 16.76
CA VAL A 291 -8.02 12.75 15.73
C VAL A 291 -8.27 11.27 15.39
N LEU A 292 -7.20 10.49 15.24
CA LEU A 292 -7.31 9.06 14.94
C LEU A 292 -7.97 8.28 16.08
N LEU A 293 -7.56 8.56 17.31
CA LEU A 293 -8.21 7.99 18.50
C LEU A 293 -9.68 8.35 18.54
N GLU A 294 -10.01 9.61 18.26
CA GLU A 294 -11.38 10.12 18.39
C GLU A 294 -12.34 9.64 17.32
N THR A 295 -11.84 9.50 16.09
CA THR A 295 -12.66 9.03 14.95
C THR A 295 -12.75 7.51 14.88
N ASN A 296 -11.95 6.83 15.70
CA ASN A 296 -11.96 5.38 15.77
C ASN A 296 -11.47 4.75 14.45
N ILE A 297 -10.49 5.41 13.81
CA ILE A 297 -9.90 4.93 12.55
C ILE A 297 -9.42 3.48 12.70
N ASP A 298 -9.63 2.69 11.64
CA ASP A 298 -9.31 1.26 11.65
C ASP A 298 -7.81 0.98 11.55
N GLY A 299 -7.07 1.95 11.04
CA GLY A 299 -5.63 1.82 10.93
C GLY A 299 -4.94 3.01 10.29
N MET A 300 -3.61 3.05 10.43
CA MET A 300 -2.82 4.08 9.78
C MET A 300 -1.68 3.49 8.95
N ILE A 301 -1.52 4.02 7.74
CA ILE A 301 -0.44 3.60 6.87
C ILE A 301 0.69 4.59 7.06
N ILE A 302 1.78 4.12 7.64
CA ILE A 302 2.93 4.95 7.96
C ILE A 302 4.15 4.39 7.22
N SER A 303 4.74 5.11 6.25
CA SER A 303 4.36 6.47 5.80
C SER A 303 4.36 6.59 4.27
N ASN A 304 3.96 7.76 3.78
CA ASN A 304 4.17 8.15 2.38
C ASN A 304 5.62 8.60 2.14
N THR A 305 5.91 9.13 0.96
CA THR A 305 7.27 9.55 0.61
C THR A 305 7.67 10.83 1.34
N THR A 306 8.98 11.10 1.36
CA THR A 306 9.50 12.26 2.09
C THR A 306 10.22 13.27 1.19
N THR A 307 10.14 14.53 1.56
CA THR A 307 10.86 15.60 0.89
C THR A 307 12.01 16.10 1.79
N GLN A 308 12.34 15.33 2.81
CA GLN A 308 13.41 15.70 3.75
C GLN A 308 14.78 15.16 3.36
N ILE A 309 14.87 14.50 2.20
CA ILE A 309 16.13 13.87 1.80
C ILE A 309 16.93 14.73 0.81
N ASN A 310 18.13 15.12 1.23
CA ASN A 310 18.95 16.11 0.53
C ASN A 310 20.24 15.54 -0.03
N ASP A 311 20.64 14.37 0.47
CA ASP A 311 21.96 13.82 0.19
C ASP A 311 22.04 12.76 -0.93
N ILE A 312 21.04 12.72 -1.81
CA ILE A 312 21.14 11.84 -2.99
C ILE A 312 21.60 12.66 -4.19
N LYS A 313 22.83 12.38 -4.63
CA LYS A 313 23.54 13.18 -5.64
C LYS A 313 22.74 13.27 -6.93
N SER A 314 22.32 12.11 -7.43
CA SER A 314 21.59 12.05 -8.71
C SER A 314 20.21 12.71 -8.67
N PHE A 315 19.71 13.01 -7.48
CA PHE A 315 18.39 13.63 -7.34
C PHE A 315 18.45 15.14 -7.12
N GLU A 316 19.65 15.71 -7.03
CA GLU A 316 19.82 17.13 -6.64
C GLU A 316 18.98 18.10 -7.48
N ASN A 317 18.86 17.83 -8.77
CA ASN A 317 18.04 18.65 -9.65
C ASN A 317 16.53 18.37 -9.59
N LYS A 318 16.15 17.32 -8.87
CA LYS A 318 14.80 16.76 -8.96
C LYS A 318 13.86 17.18 -7.83
N LYS A 319 12.57 17.26 -8.15
CA LYS A 319 11.55 17.37 -7.12
C LYS A 319 10.58 16.17 -7.07
N GLY A 320 9.78 16.12 -6.01
CA GLY A 320 8.90 15.01 -5.72
C GLY A 320 9.25 14.37 -4.39
N GLY A 321 8.63 13.23 -4.08
CA GLY A 321 8.90 12.53 -2.83
C GLY A 321 9.86 11.38 -3.01
N VAL A 322 10.69 11.14 -2.00
CA VAL A 322 11.68 10.06 -2.03
C VAL A 322 11.20 8.78 -1.33
N SER A 323 11.38 7.66 -2.02
CA SER A 323 11.05 6.31 -1.56
C SER A 323 12.34 5.50 -1.40
N GLY A 324 12.20 4.34 -0.78
CA GLY A 324 13.27 3.36 -0.79
C GLY A 324 14.12 3.40 0.44
N ALA A 325 15.36 2.93 0.30
CA ALA A 325 16.24 2.65 1.45
C ALA A 325 16.49 3.89 2.30
N LYS A 326 16.60 5.04 1.64
CA LYS A 326 16.84 6.31 2.37
C LYS A 326 15.63 6.81 3.16
N LEU A 327 14.46 6.24 2.88
CA LEU A 327 13.26 6.53 3.66
C LEU A 327 13.12 5.61 4.87
N LYS A 328 13.81 4.47 4.86
CA LYS A 328 13.58 3.42 5.88
C LYS A 328 13.58 3.93 7.34
N ASP A 329 14.67 4.58 7.76
CA ASP A 329 14.80 5.04 9.15
C ASP A 329 13.75 6.07 9.54
N ILE A 330 13.46 7.00 8.62
CA ILE A 330 12.44 8.02 8.85
C ILE A 330 11.07 7.39 9.09
N SER A 331 10.67 6.48 8.20
CA SER A 331 9.42 5.77 8.32
C SER A 331 9.36 5.00 9.64
N THR A 332 10.42 4.28 9.98
CA THR A 332 10.47 3.45 11.20
C THR A 332 10.33 4.31 12.48
N LYS A 333 11.08 5.39 12.55
CA LYS A 333 10.96 6.39 13.63
C LYS A 333 9.50 6.85 13.76
N PHE A 334 8.90 7.17 12.61
CA PHE A 334 7.53 7.67 12.54
C PHE A 334 6.51 6.64 13.03
N ILE A 335 6.78 5.36 12.77
CA ILE A 335 5.94 4.26 13.26
C ILE A 335 5.97 4.20 14.79
N CYS A 336 7.18 4.19 15.36
CA CYS A 336 7.36 4.24 16.82
C CYS A 336 6.61 5.38 17.48
N GLU A 337 6.75 6.58 16.92
CA GLU A 337 6.09 7.78 17.43
C GLU A 337 4.57 7.65 17.43
N MET A 338 3.99 7.27 16.29
CA MET A 338 2.53 7.16 16.20
C MET A 338 1.97 5.99 17.01
N TYR A 339 2.73 4.91 17.12
CA TYR A 339 2.40 3.79 17.99
C TYR A 339 2.26 4.28 19.44
N ASN A 340 3.23 5.11 19.86
CA ASN A 340 3.21 5.74 21.18
C ASN A 340 2.03 6.68 21.38
N TYR A 341 1.96 7.70 20.52
CA TYR A 341 0.93 8.74 20.59
C TYR A 341 -0.51 8.24 20.53
N THR A 342 -0.72 7.05 19.96
CA THR A 342 -2.08 6.48 19.88
C THR A 342 -2.33 5.39 20.93
N ASN A 343 -1.42 5.27 21.89
CA ASN A 343 -1.55 4.35 23.04
C ASN A 343 -1.68 2.89 22.61
N LYS A 344 -0.99 2.55 21.52
CA LYS A 344 -0.99 1.20 20.93
C LYS A 344 -2.38 0.73 20.50
N GLN A 345 -3.30 1.69 20.30
CA GLN A 345 -4.70 1.38 20.03
C GLN A 345 -5.04 1.31 18.54
N ILE A 346 -4.16 1.86 17.70
CA ILE A 346 -4.41 1.93 16.24
C ILE A 346 -3.43 1.02 15.45
N PRO A 347 -3.98 0.04 14.72
CA PRO A 347 -3.11 -0.84 13.94
C PRO A 347 -2.36 -0.06 12.86
N ILE A 348 -1.11 -0.44 12.64
CA ILE A 348 -0.21 0.25 11.71
C ILE A 348 0.11 -0.62 10.48
N ILE A 349 0.00 -0.02 9.30
CA ILE A 349 0.49 -0.64 8.05
C ILE A 349 1.80 0.07 7.70
N ALA A 350 2.89 -0.67 7.65
CA ALA A 350 4.21 -0.07 7.42
C ALA A 350 4.58 0.11 5.94
N SER A 351 5.29 1.21 5.67
CA SER A 351 5.79 1.61 4.35
C SER A 351 6.81 2.74 4.56
N GLY A 352 7.99 2.74 3.95
CA GLY A 352 8.67 1.62 3.41
C GLY A 352 10.17 1.77 3.66
N GLY A 353 10.94 1.75 2.58
CA GLY A 353 12.32 1.29 2.65
C GLY A 353 12.41 -0.19 3.05
N ILE A 354 11.34 -0.96 2.86
CA ILE A 354 11.35 -2.39 3.24
C ILE A 354 11.82 -3.25 2.08
N PHE A 355 12.98 -3.88 2.27
CA PHE A 355 13.57 -4.77 1.27
C PHE A 355 13.73 -6.21 1.77
N SER A 356 14.18 -6.35 3.02
CA SER A 356 14.62 -7.64 3.53
C SER A 356 13.78 -8.10 4.72
N GLY A 357 13.92 -9.38 5.07
CA GLY A 357 13.32 -9.93 6.29
C GLY A 357 13.63 -9.09 7.51
N LEU A 358 14.89 -8.68 7.65
CA LEU A 358 15.29 -7.78 8.73
C LEU A 358 14.54 -6.44 8.74
N ASP A 359 14.42 -5.78 7.57
CA ASP A 359 13.69 -4.52 7.47
C ASP A 359 12.25 -4.72 7.94
N ALA A 360 11.64 -5.81 7.51
CA ALA A 360 10.26 -6.10 7.88
C ALA A 360 10.10 -6.25 9.39
N LEU A 361 10.99 -7.02 10.02
CA LEU A 361 10.96 -7.24 11.47
C LEU A 361 11.15 -5.94 12.27
N GLU A 362 12.02 -5.06 11.78
CA GLU A 362 12.18 -3.74 12.38
C GLU A 362 10.85 -3.00 12.42
N LYS A 363 10.12 -3.01 11.30
CA LYS A 363 8.84 -2.33 11.21
C LYS A 363 7.82 -2.96 12.15
N ILE A 364 7.84 -4.28 12.23
CA ILE A 364 6.90 -5.04 13.07
C ILE A 364 7.16 -4.76 14.56
N GLU A 365 8.43 -4.81 14.95
CA GLU A 365 8.86 -4.54 16.32
C GLU A 365 8.73 -3.07 16.70
N ALA A 366 8.69 -2.18 15.70
CA ALA A 366 8.42 -0.77 15.94
C ALA A 366 6.94 -0.54 16.18
N GLY A 367 6.11 -1.50 15.75
CA GLY A 367 4.66 -1.40 15.91
C GLY A 367 3.75 -1.76 14.75
N ALA A 368 4.31 -2.14 13.61
CA ALA A 368 3.48 -2.46 12.44
C ALA A 368 2.87 -3.87 12.51
N SER A 369 1.64 -4.00 12.04
CA SER A 369 0.99 -5.30 11.93
C SER A 369 1.23 -5.97 10.58
N VAL A 370 1.45 -5.14 9.55
CA VAL A 370 1.59 -5.61 8.18
C VAL A 370 2.57 -4.66 7.44
N CYS A 371 3.15 -5.14 6.34
CA CYS A 371 4.13 -4.37 5.57
C CYS A 371 3.69 -4.23 4.12
N GLN A 372 4.02 -3.07 3.53
CA GLN A 372 3.81 -2.82 2.09
C GLN A 372 5.15 -2.58 1.40
N LEU A 373 5.32 -3.11 0.20
CA LEU A 373 6.52 -2.93 -0.57
C LEU A 373 6.20 -2.09 -1.80
N TYR A 374 7.13 -1.26 -2.22
CA TYR A 374 7.08 -0.57 -3.50
C TYR A 374 8.46 -0.61 -4.16
N SER A 375 9.41 0.07 -3.56
CA SER A 375 10.74 0.18 -4.10
C SER A 375 11.43 -1.18 -4.27
N CYS A 376 11.22 -2.05 -3.32
CA CYS A 376 11.75 -3.40 -3.39
C CYS A 376 11.41 -4.10 -4.71
N LEU A 377 10.17 -3.96 -5.18
CA LEU A 377 9.80 -4.51 -6.47
C LEU A 377 10.61 -3.89 -7.64
N VAL A 378 10.88 -2.59 -7.53
CA VAL A 378 11.64 -1.88 -8.56
C VAL A 378 13.08 -2.40 -8.66
N PHE A 379 13.74 -2.59 -7.51
CA PHE A 379 15.16 -2.96 -7.47
C PHE A 379 15.41 -4.47 -7.41
N ASN A 380 14.53 -5.22 -6.74
CA ASN A 380 14.66 -6.69 -6.59
C ASN A 380 13.77 -7.57 -7.45
N GLY A 381 12.75 -6.99 -8.08
CA GLY A 381 12.00 -7.70 -9.11
C GLY A 381 10.96 -8.70 -8.64
N MET A 382 10.66 -9.67 -9.52
CA MET A 382 9.55 -10.62 -9.38
C MET A 382 9.64 -11.48 -8.12
N LYS A 383 10.86 -11.72 -7.65
CA LYS A 383 11.13 -12.57 -6.47
C LYS A 383 10.92 -11.89 -5.12
N SER A 384 10.61 -10.61 -5.11
CA SER A 384 10.60 -9.83 -3.87
C SER A 384 9.77 -10.43 -2.72
N ALA A 385 8.57 -10.93 -3.03
CA ALA A 385 7.68 -11.43 -1.97
C ALA A 385 8.14 -12.79 -1.50
N VAL A 386 8.44 -13.69 -2.43
CA VAL A 386 9.00 -15.01 -2.09
C VAL A 386 10.20 -14.86 -1.15
N GLN A 387 11.17 -14.05 -1.55
CA GLN A 387 12.40 -13.91 -0.81
C GLN A 387 12.17 -13.25 0.55
N ILE A 388 11.35 -12.19 0.59
CA ILE A 388 11.17 -11.50 1.85
C ILE A 388 10.42 -12.35 2.89
N LYS A 389 9.43 -13.13 2.44
CA LYS A 389 8.64 -14.00 3.33
C LYS A 389 9.53 -15.04 3.98
N ARG A 390 10.40 -15.66 3.17
CA ARG A 390 11.39 -16.63 3.65
C ARG A 390 12.35 -16.02 4.65
N GLU A 391 12.94 -14.88 4.31
CA GLU A 391 13.81 -14.18 5.22
C GLU A 391 13.14 -13.85 6.55
N LEU A 392 11.90 -13.35 6.50
CA LEU A 392 11.17 -13.07 7.74
C LEU A 392 10.92 -14.34 8.59
N ASN A 393 10.51 -15.42 7.94
CA ASN A 393 10.28 -16.68 8.62
C ASN A 393 11.51 -17.17 9.39
N HIS A 394 12.66 -17.17 8.71
CA HIS A 394 13.94 -17.60 9.28
C HIS A 394 14.33 -16.71 10.44
N LEU A 395 14.09 -15.41 10.29
CA LEU A 395 14.41 -14.43 11.31
C LEU A 395 13.51 -14.57 12.54
N LEU A 396 12.20 -14.75 12.33
CA LEU A 396 11.26 -14.93 13.43
C LEU A 396 11.65 -16.11 14.32
N TYR A 397 12.10 -17.18 13.69
CA TYR A 397 12.59 -18.36 14.38
C TYR A 397 13.89 -18.15 15.11
N GLN A 398 14.82 -17.46 14.49
CA GLN A 398 16.11 -17.17 15.07
C GLN A 398 15.99 -16.34 16.34
N ARG A 399 15.00 -15.47 16.36
CA ARG A 399 14.79 -14.58 17.48
C ARG A 399 13.93 -15.23 18.54
N GLY A 400 13.50 -16.45 18.28
CA GLY A 400 12.71 -17.16 19.25
C GLY A 400 11.25 -16.81 19.36
N TYR A 401 10.71 -16.16 18.35
CA TYR A 401 9.29 -15.78 18.28
C TYR A 401 8.45 -16.98 17.86
N TYR A 402 7.35 -17.22 18.56
CA TYR A 402 6.43 -18.30 18.20
C TYR A 402 5.70 -17.97 16.90
N ASN A 403 5.21 -16.73 16.80
CA ASN A 403 4.61 -16.23 15.56
C ASN A 403 4.94 -14.75 15.30
N LEU A 404 4.31 -14.19 14.27
CA LEU A 404 4.55 -12.79 13.91
C LEU A 404 3.90 -11.84 14.91
N LYS A 405 2.63 -12.10 15.24
CA LYS A 405 1.86 -11.21 16.11
C LYS A 405 2.55 -10.94 17.45
N GLU A 406 3.35 -11.91 17.88
CA GLU A 406 4.18 -11.82 19.08
C GLU A 406 5.22 -10.70 19.00
N ALA A 407 5.68 -10.41 17.79
CA ALA A 407 6.76 -9.43 17.57
C ALA A 407 6.27 -7.99 17.52
N ILE A 408 4.98 -7.80 17.24
CA ILE A 408 4.39 -6.46 17.06
C ILE A 408 4.58 -5.56 18.29
N GLY A 409 5.31 -4.48 18.11
CA GLY A 409 5.49 -3.48 19.12
C GLY A 409 6.51 -3.82 20.17
N ARG A 410 7.21 -4.91 19.95
CA ARG A 410 8.13 -5.46 20.91
C ARG A 410 9.35 -4.60 21.18
N LYS A 411 9.54 -3.56 20.42
CA LYS A 411 10.67 -2.72 20.67
C LYS A 411 10.33 -1.71 21.74
N HIS A 412 9.07 -1.65 22.14
CA HIS A 412 8.71 -0.77 23.22
C HIS A 412 8.81 -1.49 24.56
N SER A 413 10.02 -1.60 25.07
CA SER A 413 10.37 -2.33 26.30
C SER A 413 10.13 -3.82 26.17
C1 JZ8 B . 8.63 -3.52 -11.02
N1 JZ8 B . 8.34 -1.27 -11.79
C2 JZ8 B . 7.87 -2.53 -11.65
N2 JZ8 B . 9.89 0.47 -12.06
C3 JZ8 B . 6.56 -2.80 -12.07
N3 JZ8 B . 9.08 1.44 -11.53
C4 JZ8 B . 6.01 -4.07 -11.92
N4 JZ8 B . 11.08 2.27 -12.16
C5 JZ8 B . 4.72 -4.39 -12.36
N5 JZ8 B . 12.05 0.20 -12.96
C6 JZ8 B . 4.21 -5.68 -12.17
C7 JZ8 B . 4.99 -6.67 -11.54
C8 JZ8 B . 6.28 -6.40 -11.09
C9 JZ8 B . 6.83 -5.12 -11.26
C10 JZ8 B . 8.13 -4.82 -10.85
C11 JZ8 B . 9.59 -0.83 -12.19
C12 JZ8 B . 10.56 -1.67 -12.74
C13 JZ8 B . 11.80 -1.13 -13.13
C14 JZ8 B . 12.86 -2.03 -13.74
C15 JZ8 B . 11.07 0.95 -12.45
C16 JZ8 B . 9.85 2.56 -11.62
N1 FMN C . 1.35 6.46 -2.27
C2 FMN C . -0.02 6.72 -2.25
O2 FMN C . -0.63 6.69 -1.17
N3 FMN C . -0.69 6.99 -3.42
C4 FMN C . -0.04 7.03 -4.64
O4 FMN C . -0.70 6.94 -5.70
C4A FMN C . 1.35 6.78 -4.65
N5 FMN C . 2.07 6.81 -5.84
C5A FMN C . 3.42 6.52 -5.88
C6 FMN C . 4.09 6.57 -7.09
C7 FMN C . 5.47 6.28 -7.14
C7M FMN C . 6.15 6.28 -8.47
C8 FMN C . 6.17 5.97 -5.98
C8M FMN C . 7.55 5.37 -6.01
C9 FMN C . 5.47 5.97 -4.78
C9A FMN C . 4.10 6.23 -4.71
N10 FMN C . 3.41 6.22 -3.50
C10 FMN C . 2.04 6.48 -3.46
C1' FMN C . 4.12 6.05 -2.19
C2' FMN C . 4.22 4.54 -1.92
O2' FMN C . 2.91 3.99 -1.74
C3' FMN C . 5.07 4.22 -0.71
O3' FMN C . 4.41 4.69 0.44
C4' FMN C . 6.49 4.80 -0.75
O4' FMN C . 7.09 4.47 -2.00
C5' FMN C . 7.34 4.22 0.38
O5' FMN C . 7.52 2.83 0.18
P FMN C . 8.90 2.20 -0.43
O1P FMN C . 8.95 2.62 -1.87
O2P FMN C . 8.89 0.69 -0.32
O3P FMN C . 10.06 2.79 0.30
N1 ORO D . 3.55 10.31 -5.15
C2 ORO D . 3.89 9.94 -3.91
O2 ORO D . 5.09 9.80 -3.62
N3 ORO D . 2.95 9.69 -2.96
C4 ORO D . 1.64 9.83 -3.27
O4 ORO D . 0.78 9.62 -2.40
C5 ORO D . 1.26 10.21 -4.55
C6 ORO D . 2.25 10.44 -5.51
C7 ORO D . 1.89 10.92 -6.88
O71 ORO D . 0.92 10.50 -7.56
O72 ORO D . 2.62 11.84 -7.30
N1 LDA E . -28.29 -6.16 6.51
O1 LDA E . -28.68 -5.18 5.83
CM1 LDA E . -26.96 -5.89 7.04
CM2 LDA E . -29.18 -6.28 7.68
C1 LDA E . -28.29 -7.44 5.78
C2 LDA E . -27.15 -8.31 6.37
C3 LDA E . -26.83 -9.56 5.56
C4 LDA E . -26.61 -10.80 6.43
C5 LDA E . -27.83 -11.72 6.54
C6 LDA E . -27.70 -13.01 5.72
C7 LDA E . -28.80 -14.02 6.07
C8 LDA E . -28.26 -15.45 5.93
C9 LDA E . -28.34 -16.23 7.25
C10 LDA E . -27.01 -16.73 7.78
C11 LDA E . -26.90 -18.24 7.60
C12 LDA E . -26.36 -18.94 8.84
#